data_5M37
#
_entry.id   5M37
#
_cell.length_a   71.170
_cell.length_b   88.210
_cell.length_c   112.590
_cell.angle_alpha   90.000
_cell.angle_beta   90.000
_cell.angle_gamma   90.000
#
_symmetry.space_group_name_H-M   'P 21 21 21'
#
loop_
_entity.id
_entity.type
_entity.pdbx_description
1 polymer '14-3-3 protein zeta/delta'
2 polymer 'M-phase inducer phosphatase 3'
3 non-polymer (1R,5S,9S,16R,20R,24S,28S,35R)-3,22-Bis(dihydroxyphosphoryloxy)tridecacyclo[22.14.1.15,20.19,16.128,35.02,23.04,21.06,19.08,17.010,15.025,38.027,36.029,34]dotetraconta-2(23),3,6,8(17),10,12,14,18,21,25,27(36),29,31,33,37-pentadecaene
4 non-polymer 'BENZOIC ACID'
5 water water
#
loop_
_entity_poly.entity_id
_entity_poly.type
_entity_poly.pdbx_seq_one_letter_code
_entity_poly.pdbx_strand_id
1 'polypeptide(L)'
;MDKNELVQKAKLAEQAERYDDMAACMKSVTEQGAELSNEERNLLSVAYKNVVGARRSSWRVVSSIEQKTEGAEKKQQMAR
EYREKIETELRDICNDVLSLLEKFLIPNASQAESKVFYLKMKGDYYRYLAEVAAGDDKKGIVDQSQQAYQEAFEISKKEM
QPTHPIRLGLALNFSVFYYEILNSPEKACSLAKTAFDEAIAELDTLSEESYKDSTLIMQLLRDNLTLWTS
;
A,B
2 'polypeptide(L)' SRSGLYRSP(SEP)MPENLNRPRL C,D
#
loop_
_chem_comp.id
_chem_comp.type
_chem_comp.name
_chem_comp.formula
9SZ non-polymer (1R,5S,9S,16R,20R,24S,28S,35R)-3,22-Bis(dihydroxyphosphoryloxy)tridecacyclo[22.14.1.15,20.19,16.128,35.02,23.04,21.06,19.08,17.010,15.025,38.027,36.029,34]dotetraconta-2(23),3,6,8(17),10,12,14,18,21,25,27(36),29,31,33,37-pentadecaene 'C42 H32 O8 P2'
BEZ non-polymer 'BENZOIC ACID' 'C7 H6 O2'
#
# COMPACT_ATOMS: atom_id res chain seq x y z
N MET A 1 -0.29 17.01 -20.72
CA MET A 1 -0.49 17.68 -22.04
C MET A 1 -1.86 17.34 -22.65
N ASP A 2 -1.85 16.52 -23.70
CA ASP A 2 -3.10 16.08 -24.35
C ASP A 2 -3.69 14.86 -23.63
N LYS A 3 -5.00 14.65 -23.83
CA LYS A 3 -5.73 13.55 -23.16
C LYS A 3 -5.04 12.19 -23.32
N ASN A 4 -4.60 11.87 -24.54
CA ASN A 4 -3.93 10.59 -24.80
C ASN A 4 -2.60 10.43 -24.05
N GLU A 5 -1.90 11.53 -23.78
CA GLU A 5 -0.67 11.49 -22.98
C GLU A 5 -1.04 11.19 -21.53
N LEU A 6 -1.96 11.99 -20.98
CA LEU A 6 -2.40 11.86 -19.60
C LEU A 6 -3.06 10.53 -19.29
N VAL A 7 -3.87 10.02 -20.21
CA VAL A 7 -4.51 8.70 -20.06
C VAL A 7 -3.47 7.59 -20.01
N GLN A 8 -2.44 7.70 -20.84
CA GLN A 8 -1.40 6.67 -20.89
C GLN A 8 -0.46 6.72 -19.68
N LYS A 9 -0.16 7.92 -19.19
CA LYS A 9 0.53 8.09 -17.88
C LYS A 9 -0.28 7.46 -16.74
N ALA A 10 -1.58 7.69 -16.75
CA ALA A 10 -2.48 7.10 -15.77
C ALA A 10 -2.37 5.58 -15.76
N LYS A 11 -2.43 4.96 -16.93
CA LYS A 11 -2.35 3.50 -17.04
C LYS A 11 -1.02 2.97 -16.53
N LEU A 12 0.04 3.69 -16.88
CA LEU A 12 1.40 3.36 -16.45
C LEU A 12 1.52 3.50 -14.94
N ALA A 13 0.97 4.59 -14.40
CA ALA A 13 0.94 4.84 -12.95
C ALA A 13 0.18 3.77 -12.19
N GLU A 14 -0.88 3.24 -12.79
CA GLU A 14 -1.66 2.14 -12.21
C GLU A 14 -0.83 0.88 -12.07
N GLN A 15 -0.12 0.50 -13.13
CA GLN A 15 0.79 -0.66 -13.12
C GLN A 15 1.88 -0.49 -12.06
N ALA A 16 2.42 0.72 -11.98
CA ALA A 16 3.34 1.11 -10.91
C ALA A 16 2.75 1.18 -9.48
N GLU A 17 1.41 1.09 -9.35
CA GLU A 17 0.71 1.17 -8.06
C GLU A 17 1.00 2.51 -7.38
N ARG A 18 1.02 3.57 -8.18
CA ARG A 18 1.32 4.93 -7.74
C ARG A 18 0.08 5.76 -8.02
N TYR A 19 -0.86 5.70 -7.11
CA TYR A 19 -2.23 6.12 -7.38
C TYR A 19 -2.45 7.61 -7.24
N ASP A 20 -1.59 8.30 -6.50
CA ASP A 20 -1.58 9.78 -6.52
C ASP A 20 -1.31 10.30 -7.93
N ASP A 21 -0.29 9.75 -8.57
CA ASP A 21 0.06 10.10 -9.94
C ASP A 21 -1.10 9.81 -10.88
N MET A 22 -1.65 8.60 -10.78
CA MET A 22 -2.79 8.15 -11.60
C MET A 22 -4.01 9.07 -11.45
N ALA A 23 -4.29 9.46 -10.21
CA ALA A 23 -5.42 10.32 -9.90
C ALA A 23 -5.23 11.72 -10.46
N ALA A 24 -4.05 12.29 -10.21
CA ALA A 24 -3.67 13.59 -10.76
C ALA A 24 -3.91 13.65 -12.27
N CYS A 25 -3.43 12.63 -12.97
CA CYS A 25 -3.60 12.53 -14.41
C CYS A 25 -5.05 12.54 -14.83
N MET A 26 -5.88 11.68 -14.22
CA MET A 26 -7.30 11.59 -14.58
C MET A 26 -8.11 12.80 -14.12
N LYS A 27 -7.64 13.48 -13.08
CA LYS A 27 -8.22 14.77 -12.69
C LYS A 27 -7.99 15.80 -13.79
N SER A 28 -6.77 15.84 -14.34
CA SER A 28 -6.47 16.71 -15.48
C SER A 28 -7.35 16.36 -16.68
N VAL A 29 -7.42 15.07 -17.03
CA VAL A 29 -8.27 14.61 -18.12
C VAL A 29 -9.68 15.17 -17.96
N THR A 30 -10.24 14.96 -16.78
CA THR A 30 -11.62 15.34 -16.46
C THR A 30 -11.81 16.85 -16.55
N GLU A 31 -10.83 17.61 -16.08
CA GLU A 31 -10.87 19.08 -16.10
C GLU A 31 -10.80 19.72 -17.49
N GLN A 32 -10.40 18.93 -18.50
CA GLN A 32 -10.48 19.37 -19.90
C GLN A 32 -11.92 19.50 -20.43
N GLY A 33 -12.89 18.93 -19.72
CA GLY A 33 -14.31 19.22 -19.96
C GLY A 33 -15.09 18.21 -20.78
N ALA A 34 -14.40 17.43 -21.62
CA ALA A 34 -15.07 16.46 -22.48
C ALA A 34 -15.52 15.22 -21.71
N GLU A 35 -16.67 14.67 -22.10
CA GLU A 35 -17.21 13.45 -21.51
C GLU A 35 -16.19 12.32 -21.61
N LEU A 36 -16.00 11.59 -20.52
CA LEU A 36 -15.02 10.52 -20.47
C LEU A 36 -15.56 9.23 -21.07
N SER A 37 -14.66 8.46 -21.67
CA SER A 37 -14.95 7.11 -22.16
C SER A 37 -15.07 6.14 -21.00
N ASN A 38 -15.62 4.96 -21.27
CA ASN A 38 -15.75 3.92 -20.24
C ASN A 38 -14.39 3.57 -19.61
N GLU A 39 -13.37 3.50 -20.45
CA GLU A 39 -11.99 3.29 -20.00
C GLU A 39 -11.59 4.40 -19.04
N GLU A 40 -11.69 5.64 -19.49
CA GLU A 40 -11.27 6.80 -18.70
C GLU A 40 -12.01 6.90 -17.38
N ARG A 41 -13.31 6.66 -17.45
CA ARG A 41 -14.18 6.62 -16.29
C ARG A 41 -13.70 5.61 -15.23
N ASN A 42 -13.33 4.41 -15.67
CA ASN A 42 -12.76 3.39 -14.79
C ASN A 42 -11.40 3.77 -14.22
N LEU A 43 -10.57 4.41 -15.03
CA LEU A 43 -9.26 4.85 -14.54
C LEU A 43 -9.39 5.90 -13.44
N LEU A 44 -10.37 6.80 -13.57
CA LEU A 44 -10.61 7.82 -12.57
C LEU A 44 -11.10 7.22 -11.26
N SER A 45 -12.09 6.35 -11.38
CA SER A 45 -12.66 5.61 -10.27
C SER A 45 -11.60 4.80 -9.51
N VAL A 46 -10.86 3.98 -10.24
CA VAL A 46 -9.81 3.16 -9.64
C VAL A 46 -8.80 4.03 -8.89
N ALA A 47 -8.36 5.09 -9.55
CA ALA A 47 -7.38 6.00 -8.98
C ALA A 47 -7.85 6.54 -7.64
N TYR A 48 -9.01 7.18 -7.65
CA TYR A 48 -9.50 7.82 -6.44
C TYR A 48 -9.96 6.83 -5.38
N LYS A 49 -10.53 5.70 -5.78
CA LYS A 49 -10.88 4.67 -4.80
C LYS A 49 -9.66 4.21 -4.01
N ASN A 50 -8.54 4.03 -4.68
CA ASN A 50 -7.29 3.63 -4.01
C ASN A 50 -6.77 4.71 -3.06
N VAL A 51 -6.84 5.97 -3.50
CA VAL A 51 -6.36 7.10 -2.70
C VAL A 51 -7.17 7.27 -1.42
N VAL A 52 -8.49 7.35 -1.56
CA VAL A 52 -9.37 7.49 -0.40
C VAL A 52 -9.45 6.21 0.47
N GLY A 53 -9.27 5.04 -0.15
CA GLY A 53 -9.36 3.77 0.59
C GLY A 53 -8.22 3.56 1.58
N ALA A 54 -7.06 4.16 1.27
CA ALA A 54 -5.92 4.14 2.18
C ALA A 54 -6.24 4.90 3.46
N ARG A 55 -7.00 5.98 3.31
CA ARG A 55 -7.39 6.81 4.44
C ARG A 55 -8.47 6.16 5.28
N ARG A 56 -9.45 5.58 4.63
CA ARG A 56 -10.46 4.82 5.32
C ARG A 56 -9.86 3.70 6.17
N SER A 57 -8.97 2.92 5.57
CA SER A 57 -8.28 1.85 6.28
C SER A 57 -7.55 2.38 7.52
N SER A 58 -6.73 3.41 7.31
CA SER A 58 -5.98 4.06 8.38
C SER A 58 -6.88 4.59 9.47
N TRP A 59 -7.91 5.33 9.05
CA TRP A 59 -8.92 5.85 9.98
C TRP A 59 -9.51 4.76 10.89
N ARG A 60 -9.87 3.62 10.31
CA ARG A 60 -10.44 2.52 11.11
C ARG A 60 -9.47 1.99 12.14
N VAL A 61 -8.22 1.77 11.73
CA VAL A 61 -7.19 1.32 12.66
C VAL A 61 -6.96 2.33 13.78
N VAL A 62 -6.77 3.61 13.44
CA VAL A 62 -6.48 4.63 14.42
C VAL A 62 -7.67 4.83 15.38
N SER A 63 -8.89 4.83 14.84
CA SER A 63 -10.11 4.93 15.66
C SER A 63 -10.18 3.79 16.66
N SER A 64 -9.94 2.58 16.17
CA SER A 64 -9.91 1.40 17.03
C SER A 64 -8.93 1.55 18.21
N ILE A 65 -7.74 2.08 17.94
CA ILE A 65 -6.75 2.30 18.99
C ILE A 65 -7.22 3.39 19.95
N GLU A 66 -7.77 4.49 19.42
CA GLU A 66 -8.34 5.54 20.24
C GLU A 66 -9.35 5.00 21.24
N GLN A 67 -10.16 4.03 20.81
CA GLN A 67 -11.15 3.38 21.68
C GLN A 67 -10.51 2.52 22.78
N LYS A 68 -9.55 1.69 22.39
CA LYS A 68 -8.85 0.80 23.33
C LYS A 68 -8.00 1.56 24.37
N THR A 69 -7.60 2.80 24.05
CA THR A 69 -6.80 3.63 24.95
C THR A 69 -7.63 4.51 25.91
N GLU A 70 -8.77 4.02 26.38
CA GLU A 70 -9.56 4.73 27.38
C GLU A 70 -8.82 4.70 28.74
N GLY A 71 -8.72 5.86 29.39
CA GLY A 71 -7.99 6.00 30.65
C GLY A 71 -6.48 6.21 30.53
N ALA A 72 -5.95 6.17 29.30
CA ALA A 72 -4.57 6.52 29.00
C ALA A 72 -4.61 7.80 28.19
N GLU A 73 -4.90 8.90 28.88
CA GLU A 73 -5.15 10.24 28.29
C GLU A 73 -4.19 10.65 27.16
N LYS A 74 -2.89 10.50 27.39
CA LYS A 74 -1.88 10.95 26.43
C LYS A 74 -1.85 10.12 25.16
N LYS A 75 -1.96 8.81 25.31
CA LYS A 75 -2.12 7.93 24.14
C LYS A 75 -3.40 8.26 23.38
N GLN A 76 -4.51 8.39 24.11
CA GLN A 76 -5.81 8.66 23.47
C GLN A 76 -5.80 9.98 22.71
N GLN A 77 -5.18 11.01 23.29
CA GLN A 77 -5.07 12.32 22.61
C GLN A 77 -4.21 12.26 21.37
N MET A 78 -3.17 11.43 21.38
CA MET A 78 -2.31 11.25 20.21
C MET A 78 -3.07 10.54 19.09
N ALA A 79 -3.86 9.52 19.46
CA ALA A 79 -4.67 8.79 18.52
C ALA A 79 -5.72 9.73 17.92
N ARG A 80 -6.43 10.45 18.79
CA ARG A 80 -7.43 11.46 18.39
CA ARG A 80 -7.42 11.45 18.37
C ARG A 80 -6.84 12.44 17.37
N GLU A 81 -5.73 13.09 17.72
CA GLU A 81 -5.10 14.07 16.80
C GLU A 81 -4.62 13.47 15.48
N TYR A 82 -4.18 12.21 15.52
CA TYR A 82 -3.80 11.50 14.30
C TYR A 82 -5.03 11.18 13.45
N ARG A 83 -6.11 10.69 14.10
CA ARG A 83 -7.39 10.48 13.41
C ARG A 83 -7.89 11.75 12.72
N GLU A 84 -7.81 12.88 13.44
CA GLU A 84 -8.19 14.18 12.86
C GLU A 84 -7.33 14.56 11.65
N LYS A 85 -6.03 14.29 11.70
CA LYS A 85 -5.15 14.50 10.54
C LYS A 85 -5.59 13.65 9.33
N ILE A 86 -5.88 12.37 9.58
CA ILE A 86 -6.36 11.45 8.55
C ILE A 86 -7.73 11.91 8.02
N GLU A 87 -8.61 12.36 8.91
CA GLU A 87 -9.93 12.82 8.51
C GLU A 87 -9.87 13.98 7.53
N THR A 88 -9.00 14.96 7.78
CA THR A 88 -8.92 16.14 6.89
C THR A 88 -8.34 15.73 5.53
N GLU A 89 -7.38 14.80 5.53
CA GLU A 89 -6.90 14.21 4.27
C GLU A 89 -8.05 13.54 3.52
N LEU A 90 -8.85 12.76 4.25
CA LEU A 90 -9.97 12.02 3.66
C LEU A 90 -11.04 12.96 3.09
N ARG A 91 -11.42 13.98 3.85
CA ARG A 91 -12.38 14.99 3.36
C ARG A 91 -11.92 15.67 2.07
N ASP A 92 -10.69 16.13 2.05
CA ASP A 92 -10.12 16.81 0.88
C ASP A 92 -10.19 15.95 -0.37
N ILE A 93 -9.87 14.67 -0.23
CA ILE A 93 -9.96 13.71 -1.34
C ILE A 93 -11.42 13.60 -1.79
N CYS A 94 -12.34 13.45 -0.85
CA CYS A 94 -13.77 13.35 -1.17
C CYS A 94 -14.36 14.63 -1.77
N ASN A 95 -13.98 15.79 -1.22
CA ASN A 95 -14.42 17.09 -1.79
C ASN A 95 -13.88 17.30 -3.20
N ASP A 96 -12.67 16.82 -3.45
CA ASP A 96 -12.05 16.84 -4.77
C ASP A 96 -12.85 16.03 -5.79
N VAL A 97 -13.14 14.77 -5.47
CA VAL A 97 -13.94 13.87 -6.32
C VAL A 97 -15.36 14.41 -6.51
N LEU A 98 -15.99 14.82 -5.42
CA LEU A 98 -17.36 15.32 -5.48
C LEU A 98 -17.52 16.56 -6.33
N SER A 99 -16.55 17.47 -6.29
CA SER A 99 -16.63 18.69 -7.10
C SER A 99 -16.42 18.36 -8.58
N LEU A 100 -15.56 17.39 -8.90
CA LEU A 100 -15.43 16.90 -10.28
C LEU A 100 -16.72 16.31 -10.79
N LEU A 101 -17.43 15.58 -9.95
CA LEU A 101 -18.72 15.00 -10.33
C LEU A 101 -19.77 16.09 -10.58
N GLU A 102 -19.78 17.13 -9.75
CA GLU A 102 -20.76 18.21 -9.89
C GLU A 102 -20.47 19.14 -11.09
N LYS A 103 -19.21 19.49 -11.31
CA LYS A 103 -18.83 20.46 -12.35
C LYS A 103 -18.53 19.88 -13.74
N PHE A 104 -18.29 18.57 -13.84
CA PHE A 104 -17.92 17.94 -15.14
C PHE A 104 -18.67 16.67 -15.48
N LEU A 105 -18.62 15.67 -14.60
CA LEU A 105 -19.04 14.31 -14.95
C LEU A 105 -20.56 14.10 -15.01
N ILE A 106 -21.28 14.55 -13.99
CA ILE A 106 -22.74 14.45 -13.97
C ILE A 106 -23.40 15.37 -15.01
N PRO A 107 -22.98 16.66 -15.09
CA PRO A 107 -23.49 17.55 -16.14
C PRO A 107 -23.42 17.03 -17.58
N ASN A 108 -22.27 16.46 -17.99
CA ASN A 108 -22.04 16.00 -19.37
C ASN A 108 -22.45 14.55 -19.64
N ALA A 109 -22.95 13.85 -18.62
CA ALA A 109 -23.37 12.46 -18.80
C ALA A 109 -24.61 12.40 -19.67
N SER A 110 -24.39 12.20 -20.97
CA SER A 110 -25.48 12.16 -21.95
C SER A 110 -26.31 10.86 -21.85
N GLN A 111 -25.65 9.73 -21.58
CA GLN A 111 -26.33 8.41 -21.55
C GLN A 111 -26.75 8.03 -20.11
N ALA A 112 -27.67 7.09 -20.01
CA ALA A 112 -28.21 6.65 -18.71
C ALA A 112 -27.16 5.90 -17.88
N GLU A 113 -26.37 5.04 -18.53
CA GLU A 113 -25.30 4.28 -17.87
C GLU A 113 -24.33 5.24 -17.17
N SER A 114 -23.88 6.27 -17.87
CA SER A 114 -22.99 7.27 -17.29
C SER A 114 -23.63 7.97 -16.09
N LYS A 115 -24.89 8.37 -16.24
CA LYS A 115 -25.65 9.02 -15.15
C LYS A 115 -25.63 8.14 -13.89
N VAL A 116 -26.08 6.89 -14.04
CA VAL A 116 -26.15 5.96 -12.92
C VAL A 116 -24.78 5.85 -12.26
N PHE A 117 -23.76 5.58 -13.08
CA PHE A 117 -22.39 5.45 -12.60
C PHE A 117 -21.93 6.67 -11.81
N TYR A 118 -22.07 7.87 -12.36
CA TYR A 118 -21.59 9.07 -11.68
C TYR A 118 -22.41 9.43 -10.45
N LEU A 119 -23.72 9.23 -10.50
CA LEU A 119 -24.56 9.42 -9.33
C LEU A 119 -24.22 8.40 -8.23
N LYS A 120 -23.90 7.18 -8.62
CA LYS A 120 -23.43 6.18 -7.67
C LYS A 120 -22.15 6.63 -6.98
N MET A 121 -21.18 7.08 -7.78
CA MET A 121 -19.93 7.66 -7.23
C MET A 121 -20.21 8.75 -6.21
N LYS A 122 -21.14 9.64 -6.54
CA LYS A 122 -21.51 10.74 -5.63
C LYS A 122 -22.06 10.16 -4.33
N GLY A 123 -22.96 9.19 -4.45
CA GLY A 123 -23.46 8.41 -3.30
C GLY A 123 -22.34 7.84 -2.45
N ASP A 124 -21.37 7.22 -3.12
CA ASP A 124 -20.19 6.63 -2.46
C ASP A 124 -19.34 7.66 -1.74
N TYR A 125 -18.96 8.73 -2.42
CA TYR A 125 -18.06 9.70 -1.76
C TYR A 125 -18.72 10.48 -0.63
N TYR A 126 -20.02 10.77 -0.74
CA TYR A 126 -20.75 11.36 0.41
C TYR A 126 -20.87 10.35 1.56
N ARG A 127 -20.99 9.06 1.22
CA ARG A 127 -20.94 8.00 2.24
C ARG A 127 -19.61 8.00 3.01
N TYR A 128 -18.51 8.18 2.30
CA TYR A 128 -17.18 8.20 2.91
C TYR A 128 -17.03 9.43 3.80
N LEU A 129 -17.64 10.54 3.41
CA LEU A 129 -17.71 11.72 4.28
C LEU A 129 -18.56 11.44 5.52
N ALA A 130 -19.71 10.81 5.34
CA ALA A 130 -20.59 10.46 6.46
C ALA A 130 -19.87 9.64 7.54
N GLU A 131 -19.03 8.70 7.11
CA GLU A 131 -18.29 7.81 8.01
C GLU A 131 -17.40 8.55 9.00
N VAL A 132 -16.89 9.70 8.59
CA VAL A 132 -16.01 10.53 9.42
C VAL A 132 -16.66 11.84 9.85
N ALA A 133 -17.96 11.98 9.58
CA ALA A 133 -18.71 13.16 9.96
C ALA A 133 -19.20 12.96 11.38
N ALA A 134 -19.34 14.06 12.11
CA ALA A 134 -19.93 14.04 13.45
C ALA A 134 -20.57 15.39 13.70
N GLY A 135 -21.76 15.36 14.27
CA GLY A 135 -22.48 16.59 14.64
C GLY A 135 -23.56 16.95 13.63
N ASP A 136 -23.75 18.26 13.43
CA ASP A 136 -24.78 18.79 12.53
C ASP A 136 -24.51 18.45 11.07
N ASP A 137 -23.23 18.34 10.72
CA ASP A 137 -22.81 18.01 9.36
C ASP A 137 -23.23 16.60 8.92
N LYS A 138 -23.30 15.66 9.86
CA LYS A 138 -23.53 14.26 9.50
C LYS A 138 -24.87 14.05 8.81
N LYS A 139 -25.96 14.50 9.43
CA LYS A 139 -27.32 14.33 8.88
C LYS A 139 -27.52 14.96 7.50
N GLY A 140 -26.89 16.12 7.27
CA GLY A 140 -26.93 16.77 5.96
C GLY A 140 -26.19 15.94 4.93
N ILE A 141 -24.96 15.55 5.27
CA ILE A 141 -24.11 14.66 4.45
C ILE A 141 -24.76 13.30 4.20
N VAL A 142 -25.38 12.71 5.21
CA VAL A 142 -26.12 11.45 5.04
C VAL A 142 -27.27 11.58 4.04
N ASP A 143 -27.95 12.73 4.03
CA ASP A 143 -29.06 12.93 3.08
C ASP A 143 -28.56 13.08 1.65
N GLN A 144 -27.49 13.84 1.45
CA GLN A 144 -26.88 13.97 0.12
C GLN A 144 -26.46 12.61 -0.47
N SER A 145 -25.90 11.75 0.36
CA SER A 145 -25.55 10.40 -0.06
C SER A 145 -26.79 9.64 -0.50
N GLN A 146 -27.84 9.72 0.31
CA GLN A 146 -29.09 9.00 0.06
C GLN A 146 -29.77 9.47 -1.23
N GLN A 147 -29.76 10.78 -1.47
CA GLN A 147 -30.41 11.33 -2.65
C GLN A 147 -29.71 10.92 -3.93
N ALA A 148 -28.37 10.91 -3.93
CA ALA A 148 -27.61 10.48 -5.09
C ALA A 148 -27.88 9.02 -5.36
N TYR A 149 -27.83 8.21 -4.31
CA TYR A 149 -28.14 6.77 -4.45
C TYR A 149 -29.56 6.54 -4.94
N GLN A 150 -30.53 7.28 -4.41
CA GLN A 150 -31.93 7.12 -4.80
C GLN A 150 -32.16 7.53 -6.26
N GLU A 151 -31.61 8.67 -6.67
CA GLU A 151 -31.75 9.11 -8.05
C GLU A 151 -31.18 8.04 -8.98
N ALA A 152 -29.93 7.63 -8.72
CA ALA A 152 -29.27 6.56 -9.47
C ALA A 152 -30.08 5.27 -9.52
N PHE A 153 -30.67 4.91 -8.38
CA PHE A 153 -31.47 3.70 -8.25
C PHE A 153 -32.67 3.72 -9.17
N GLU A 154 -33.37 4.86 -9.19
CA GLU A 154 -34.58 4.98 -9.99
C GLU A 154 -34.26 4.98 -11.49
N ILE A 155 -33.24 5.74 -11.89
CA ILE A 155 -32.75 5.69 -13.27
C ILE A 155 -32.34 4.25 -13.66
N SER A 156 -31.67 3.52 -12.76
CA SER A 156 -31.19 2.15 -13.07
C SER A 156 -32.35 1.16 -13.24
N LYS A 157 -33.34 1.26 -12.35
CA LYS A 157 -34.57 0.45 -12.45
C LYS A 157 -35.26 0.64 -13.80
N LYS A 158 -35.27 1.88 -14.28
CA LYS A 158 -35.99 2.23 -15.50
C LYS A 158 -35.19 1.82 -16.75
N GLU A 159 -33.91 2.20 -16.80
CA GLU A 159 -33.11 2.15 -18.02
C GLU A 159 -32.19 0.93 -18.20
N MET A 160 -31.78 0.27 -17.11
CA MET A 160 -30.78 -0.81 -17.18
C MET A 160 -31.37 -2.18 -16.82
N GLN A 161 -30.82 -3.25 -17.39
CA GLN A 161 -31.31 -4.60 -17.10
C GLN A 161 -30.91 -5.01 -15.67
N PRO A 162 -31.69 -5.91 -15.02
CA PRO A 162 -31.37 -6.32 -13.64
C PRO A 162 -30.00 -6.96 -13.44
N THR A 163 -29.40 -7.49 -14.50
CA THR A 163 -28.07 -8.11 -14.45
C THR A 163 -26.91 -7.16 -14.82
N HIS A 164 -27.21 -5.91 -15.17
CA HIS A 164 -26.15 -4.96 -15.51
C HIS A 164 -25.24 -4.75 -14.28
N PRO A 165 -23.92 -4.90 -14.45
CA PRO A 165 -23.01 -4.76 -13.30
C PRO A 165 -23.03 -3.40 -12.57
N ILE A 166 -23.43 -2.32 -13.23
CA ILE A 166 -23.58 -1.03 -12.58
C ILE A 166 -24.88 -1.00 -11.77
N ARG A 167 -25.93 -1.65 -12.26
CA ARG A 167 -27.17 -1.72 -11.50
C ARG A 167 -26.94 -2.48 -10.21
N LEU A 168 -26.39 -3.69 -10.35
CA LEU A 168 -26.10 -4.58 -9.23
C LEU A 168 -25.11 -3.97 -8.25
N GLY A 169 -24.10 -3.27 -8.78
CA GLY A 169 -23.11 -2.57 -7.96
C GLY A 169 -23.74 -1.47 -7.12
N LEU A 170 -24.63 -0.70 -7.75
CA LEU A 170 -25.40 0.31 -7.04
C LEU A 170 -26.27 -0.34 -5.94
N ALA A 171 -26.95 -1.43 -6.28
CA ALA A 171 -27.73 -2.16 -5.27
C ALA A 171 -26.85 -2.52 -4.06
N LEU A 172 -25.68 -3.08 -4.33
CA LEU A 172 -24.74 -3.49 -3.27
C LEU A 172 -24.30 -2.32 -2.37
N ASN A 173 -23.89 -1.20 -2.96
CA ASN A 173 -23.39 -0.07 -2.20
C ASN A 173 -24.51 0.63 -1.41
N PHE A 174 -25.65 0.82 -2.04
CA PHE A 174 -26.80 1.46 -1.41
C PHE A 174 -27.31 0.60 -0.25
N SER A 175 -27.29 -0.71 -0.45
CA SER A 175 -27.55 -1.66 0.63
C SER A 175 -26.55 -1.48 1.80
N VAL A 176 -25.27 -1.34 1.46
CA VAL A 176 -24.23 -1.06 2.44
C VAL A 176 -24.46 0.28 3.14
N PHE A 177 -24.92 1.27 2.39
CA PHE A 177 -25.31 2.56 2.98
C PHE A 177 -26.39 2.36 4.07
N TYR A 178 -27.46 1.65 3.77
CA TYR A 178 -28.53 1.42 4.77
C TYR A 178 -28.02 0.67 6.01
N TYR A 179 -27.09 -0.27 5.83
CA TYR A 179 -26.57 -1.04 6.94
C TYR A 179 -25.58 -0.24 7.79
N GLU A 180 -24.59 0.36 7.14
CA GLU A 180 -23.50 1.05 7.85
C GLU A 180 -23.76 2.51 8.21
N ILE A 181 -24.65 3.19 7.49
CA ILE A 181 -24.91 4.61 7.75
C ILE A 181 -26.25 4.85 8.43
N LEU A 182 -27.33 4.26 7.94
CA LEU A 182 -28.67 4.45 8.51
C LEU A 182 -29.10 3.39 9.55
N ASN A 183 -28.21 2.49 9.94
CA ASN A 183 -28.55 1.45 10.96
C ASN A 183 -29.86 0.74 10.61
N SER A 184 -29.99 0.37 9.34
CA SER A 184 -31.21 -0.21 8.80
C SER A 184 -30.91 -1.56 8.15
N PRO A 185 -30.62 -2.59 8.96
CA PRO A 185 -30.28 -3.90 8.38
C PRO A 185 -31.35 -4.56 7.51
N GLU A 186 -32.62 -4.41 7.86
CA GLU A 186 -33.73 -5.00 7.09
C GLU A 186 -33.94 -4.34 5.74
N LYS A 187 -33.87 -3.02 5.69
CA LYS A 187 -33.92 -2.29 4.42
C LYS A 187 -32.75 -2.78 3.55
N ALA A 188 -31.56 -2.75 4.13
CA ALA A 188 -30.33 -3.20 3.50
C ALA A 188 -30.42 -4.64 2.98
N CYS A 189 -31.00 -5.54 3.77
CA CYS A 189 -31.25 -6.91 3.30
C CYS A 189 -32.26 -6.99 2.15
N SER A 190 -33.36 -6.24 2.25
CA SER A 190 -34.42 -6.29 1.22
C SER A 190 -33.92 -5.73 -0.12
N LEU A 191 -33.19 -4.63 -0.05
CA LEU A 191 -32.61 -4.03 -1.24
C LEU A 191 -31.63 -5.02 -1.92
N ALA A 192 -30.81 -5.68 -1.11
CA ALA A 192 -29.85 -6.65 -1.62
C ALA A 192 -30.53 -7.90 -2.19
N LYS A 193 -31.52 -8.41 -1.48
CA LYS A 193 -32.28 -9.60 -1.90
C LYS A 193 -33.04 -9.35 -3.19
N THR A 194 -33.73 -8.22 -3.26
CA THR A 194 -34.48 -7.84 -4.45
C THR A 194 -33.55 -7.77 -5.67
N ALA A 195 -32.43 -7.09 -5.55
CA ALA A 195 -31.44 -7.01 -6.64
C ALA A 195 -30.95 -8.40 -7.05
N PHE A 196 -30.65 -9.24 -6.08
CA PHE A 196 -30.24 -10.61 -6.36
C PHE A 196 -31.35 -11.38 -7.08
N ASP A 197 -32.58 -11.31 -6.56
CA ASP A 197 -33.71 -12.06 -7.11
C ASP A 197 -34.12 -11.61 -8.52
N GLU A 198 -34.07 -10.30 -8.77
CA GLU A 198 -34.37 -9.76 -10.09
C GLU A 198 -33.28 -10.08 -11.13
N ALA A 199 -32.05 -10.24 -10.67
CA ALA A 199 -30.98 -10.79 -11.51
C ALA A 199 -31.15 -12.30 -11.81
N ILE A 200 -31.54 -13.13 -10.83
CA ILE A 200 -31.89 -14.55 -11.07
C ILE A 200 -33.02 -14.66 -12.10
N ALA A 201 -34.01 -13.78 -11.98
CA ALA A 201 -35.18 -13.80 -12.85
C ALA A 201 -34.84 -13.69 -14.34
N GLU A 202 -33.78 -12.96 -14.66
CA GLU A 202 -33.42 -12.63 -16.03
C GLU A 202 -31.94 -12.83 -16.33
N LEU A 203 -31.44 -14.06 -16.16
CA LEU A 203 -30.04 -14.37 -16.52
C LEU A 203 -29.78 -14.26 -18.03
N ASP A 204 -30.77 -14.59 -18.85
CA ASP A 204 -30.67 -14.39 -20.32
C ASP A 204 -30.23 -12.98 -20.76
N THR A 205 -30.55 -11.96 -19.96
CA THR A 205 -30.16 -10.57 -20.25
C THR A 205 -28.66 -10.25 -20.01
N LEU A 206 -27.91 -11.20 -19.44
CA LEU A 206 -26.45 -11.09 -19.33
C LEU A 206 -25.77 -11.05 -20.70
N SER A 207 -24.73 -10.23 -20.83
CA SER A 207 -23.90 -10.21 -22.02
C SER A 207 -22.60 -10.98 -21.80
N GLU A 208 -22.04 -11.54 -22.88
CA GLU A 208 -20.72 -12.17 -22.88
C GLU A 208 -19.63 -11.20 -22.39
N GLU A 209 -19.79 -9.92 -22.76
CA GLU A 209 -18.88 -8.85 -22.33
C GLU A 209 -18.73 -8.67 -20.81
N SER A 210 -19.78 -8.97 -20.04
CA SER A 210 -19.82 -8.67 -18.59
C SER A 210 -20.42 -9.73 -17.63
N TYR A 211 -20.62 -10.97 -18.08
CA TYR A 211 -21.22 -12.02 -17.21
C TYR A 211 -20.39 -12.33 -15.96
N LYS A 212 -19.07 -12.28 -16.08
CA LYS A 212 -18.17 -12.52 -14.95
C LYS A 212 -18.40 -11.46 -13.87
N ASP A 213 -18.46 -10.20 -14.26
CA ASP A 213 -18.69 -9.10 -13.31
C ASP A 213 -20.06 -9.17 -12.63
N SER A 214 -21.10 -9.45 -13.41
CA SER A 214 -22.44 -9.56 -12.87
C SER A 214 -22.58 -10.68 -11.87
N THR A 215 -22.09 -11.86 -12.22
CA THR A 215 -22.19 -13.03 -11.35
C THR A 215 -21.34 -12.91 -10.08
N LEU A 216 -20.23 -12.15 -10.13
CA LEU A 216 -19.43 -11.86 -8.93
C LEU A 216 -20.23 -10.94 -8.00
N ILE A 217 -20.80 -9.87 -8.55
CA ILE A 217 -21.53 -8.92 -7.73
C ILE A 217 -22.78 -9.61 -7.14
N MET A 218 -23.42 -10.45 -7.93
CA MET A 218 -24.54 -11.23 -7.43
C MET A 218 -24.16 -12.03 -6.19
N GLN A 219 -23.00 -12.70 -6.26
CA GLN A 219 -22.43 -13.42 -5.12
C GLN A 219 -22.17 -12.52 -3.93
N LEU A 220 -21.61 -11.33 -4.19
CA LEU A 220 -21.38 -10.35 -3.14
C LEU A 220 -22.65 -9.87 -2.45
N LEU A 221 -23.72 -9.67 -3.23
CA LEU A 221 -25.02 -9.24 -2.67
C LEU A 221 -25.57 -10.27 -1.68
N ARG A 222 -25.53 -11.54 -2.09
CA ARG A 222 -26.00 -12.63 -1.25
C ARG A 222 -25.06 -12.85 -0.06
N ASP A 223 -23.76 -12.67 -0.25
CA ASP A 223 -22.82 -12.68 0.89
C ASP A 223 -23.27 -11.71 1.97
N ASN A 224 -23.49 -10.45 1.60
CA ASN A 224 -23.95 -9.45 2.57
C ASN A 224 -25.31 -9.83 3.16
N LEU A 225 -26.23 -10.26 2.29
CA LEU A 225 -27.57 -10.68 2.72
C LEU A 225 -27.51 -11.73 3.83
N THR A 226 -26.79 -12.81 3.58
CA THR A 226 -26.72 -13.92 4.54
C THR A 226 -26.02 -13.56 5.85
N LEU A 227 -24.96 -12.73 5.77
CA LEU A 227 -24.27 -12.25 6.98
C LEU A 227 -25.20 -11.41 7.86
N TRP A 228 -25.87 -10.43 7.26
CA TRP A 228 -26.67 -9.48 8.00
C TRP A 228 -28.01 -10.04 8.53
N THR A 229 -28.48 -11.15 7.96
CA THR A 229 -29.70 -11.82 8.46
C THR A 229 -29.36 -12.81 9.57
N SER A 230 -28.44 -13.73 9.30
CA SER A 230 -28.05 -14.75 10.27
N ASP B 2 9.26 13.97 24.70
CA ASP B 2 9.36 14.36 23.24
C ASP B 2 9.98 13.27 22.34
N LYS B 3 11.02 12.59 22.83
CA LYS B 3 11.57 11.41 22.15
C LYS B 3 10.56 10.27 22.26
N ASN B 4 10.07 10.02 23.47
CA ASN B 4 8.99 9.03 23.67
C ASN B 4 7.74 9.35 22.84
N GLU B 5 7.42 10.63 22.71
CA GLU B 5 6.24 11.08 21.96
C GLU B 5 6.36 10.79 20.45
N LEU B 6 7.54 11.03 19.89
CA LEU B 6 7.82 10.71 18.49
C LEU B 6 7.85 9.20 18.22
N VAL B 7 8.30 8.43 19.21
CA VAL B 7 8.36 6.98 19.11
C VAL B 7 6.95 6.39 19.12
N GLN B 8 6.08 6.92 19.97
CA GLN B 8 4.69 6.44 20.04
C GLN B 8 3.88 6.82 18.79
N LYS B 9 4.16 7.98 18.20
CA LYS B 9 3.54 8.40 16.94
C LYS B 9 3.97 7.51 15.76
N ALA B 10 5.24 7.10 15.76
CA ALA B 10 5.77 6.22 14.73
C ALA B 10 5.17 4.82 14.83
N LYS B 11 5.02 4.32 16.05
CA LYS B 11 4.33 3.03 16.27
C LYS B 11 2.88 3.07 15.78
N LEU B 12 2.25 4.23 15.96
CA LEU B 12 0.87 4.46 15.54
C LEU B 12 0.77 4.56 14.01
N ALA B 13 1.70 5.29 13.40
CA ALA B 13 1.83 5.36 11.95
C ALA B 13 2.06 3.98 11.34
N GLU B 14 2.80 3.12 12.04
CA GLU B 14 3.07 1.76 11.56
C GLU B 14 1.75 1.02 11.47
N GLN B 15 0.98 1.02 12.55
CA GLN B 15 -0.33 0.34 12.56
C GLN B 15 -1.28 0.89 11.48
N ALA B 16 -1.18 2.19 11.22
CA ALA B 16 -1.94 2.86 10.18
C ALA B 16 -1.40 2.68 8.76
N GLU B 17 -0.25 2.02 8.62
CA GLU B 17 0.39 1.76 7.32
C GLU B 17 0.70 3.06 6.56
N ARG B 18 1.12 4.07 7.33
CA ARG B 18 1.46 5.39 6.82
C ARG B 18 2.96 5.57 7.07
N TYR B 19 3.76 5.01 6.17
CA TYR B 19 5.20 4.88 6.39
C TYR B 19 6.00 6.16 6.15
N ASP B 20 5.52 7.07 5.30
CA ASP B 20 6.13 8.41 5.22
C ASP B 20 6.12 9.07 6.58
N ASP B 21 4.94 9.13 7.20
CA ASP B 21 4.78 9.66 8.56
C ASP B 21 5.71 8.99 9.55
N MET B 22 5.74 7.65 9.51
CA MET B 22 6.59 6.85 10.41
C MET B 22 8.05 7.19 10.26
N ALA B 23 8.50 7.28 9.01
CA ALA B 23 9.87 7.60 8.70
C ALA B 23 10.24 9.00 9.21
N ALA B 24 9.38 9.98 8.95
CA ALA B 24 9.62 11.35 9.44
C ALA B 24 9.84 11.38 10.94
N CYS B 25 8.98 10.70 11.68
CA CYS B 25 9.07 10.56 13.13
C CYS B 25 10.41 9.99 13.57
N MET B 26 10.74 8.81 13.04
CA MET B 26 11.97 8.15 13.39
C MET B 26 13.21 8.88 12.90
N LYS B 27 13.08 9.63 11.80
CA LYS B 27 14.19 10.45 11.29
C LYS B 27 14.55 11.48 12.33
N SER B 28 13.56 12.25 12.77
CA SER B 28 13.78 13.32 13.74
C SER B 28 14.18 12.80 15.13
N VAL B 29 13.81 11.56 15.48
CA VAL B 29 14.34 10.90 16.69
C VAL B 29 15.85 10.67 16.58
N THR B 30 16.27 10.17 15.42
CA THR B 30 17.69 9.91 15.14
C THR B 30 18.52 11.20 15.15
N GLU B 31 17.96 12.27 14.61
CA GLU B 31 18.61 13.59 14.57
C GLU B 31 18.80 14.27 15.94
N GLN B 32 18.07 13.81 16.96
CA GLN B 32 18.30 14.27 18.35
C GLN B 32 19.66 13.83 18.95
N GLY B 33 20.36 12.89 18.30
CA GLY B 33 21.75 12.60 18.63
C GLY B 33 22.00 11.31 19.39
N ALA B 34 21.10 10.96 20.31
CA ALA B 34 21.32 9.79 21.19
C ALA B 34 21.20 8.45 20.45
N GLU B 35 21.87 7.45 21.02
CA GLU B 35 21.82 6.08 20.52
C GLU B 35 20.41 5.49 20.61
N LEU B 36 19.98 4.81 19.54
CA LEU B 36 18.66 4.20 19.49
C LEU B 36 18.64 2.88 20.23
N SER B 37 17.52 2.60 20.90
CA SER B 37 17.23 1.30 21.50
C SER B 37 16.86 0.30 20.40
N ASN B 38 16.70 -0.96 20.75
CA ASN B 38 16.34 -1.99 19.78
C ASN B 38 14.98 -1.73 19.12
N GLU B 39 13.98 -1.42 19.95
CA GLU B 39 12.65 -1.01 19.48
C GLU B 39 12.75 0.12 18.45
N GLU B 40 13.44 1.20 18.81
CA GLU B 40 13.58 2.39 17.94
C GLU B 40 14.27 2.05 16.62
N ARG B 41 15.38 1.33 16.72
CA ARG B 41 16.15 0.84 15.57
C ARG B 41 15.24 0.20 14.53
N ASN B 42 14.44 -0.77 14.98
CA ASN B 42 13.54 -1.52 14.10
C ASN B 42 12.45 -0.67 13.47
N LEU B 43 11.92 0.29 14.21
CA LEU B 43 10.93 1.24 13.67
C LEU B 43 11.54 2.10 12.59
N LEU B 44 12.78 2.53 12.78
CA LEU B 44 13.45 3.32 11.76
C LEU B 44 13.62 2.51 10.48
N SER B 45 14.12 1.28 10.61
CA SER B 45 14.36 0.44 9.44
C SER B 45 13.04 0.00 8.79
N VAL B 46 12.06 -0.40 9.58
CA VAL B 46 10.75 -0.77 9.02
C VAL B 46 10.18 0.39 8.21
N ALA B 47 10.24 1.60 8.78
CA ALA B 47 9.74 2.80 8.12
C ALA B 47 10.42 3.00 6.78
N TYR B 48 11.74 3.14 6.81
CA TYR B 48 12.47 3.43 5.60
C TYR B 48 12.43 2.30 4.57
N LYS B 49 12.42 1.05 5.03
CA LYS B 49 12.31 -0.11 4.13
C LYS B 49 11.01 -0.10 3.31
N ASN B 50 9.88 0.21 3.96
CA ASN B 50 8.60 0.34 3.25
C ASN B 50 8.57 1.52 2.27
N VAL B 51 9.24 2.61 2.63
CA VAL B 51 9.26 3.82 1.81
C VAL B 51 10.06 3.59 0.53
N VAL B 52 11.25 2.97 0.62
CA VAL B 52 12.01 2.61 -0.61
C VAL B 52 11.38 1.48 -1.38
N GLY B 53 10.88 0.49 -0.65
CA GLY B 53 10.30 -0.69 -1.28
C GLY B 53 9.30 -0.32 -2.34
N ALA B 54 8.39 0.59 -1.98
CA ALA B 54 7.37 1.06 -2.94
C ALA B 54 8.01 1.53 -4.26
N ARG B 55 9.11 2.28 -4.13
CA ARG B 55 9.86 2.75 -5.30
C ARG B 55 10.56 1.63 -6.08
N ARG B 56 11.20 0.71 -5.36
CA ARG B 56 11.82 -0.47 -6.00
C ARG B 56 10.80 -1.26 -6.78
N SER B 57 9.67 -1.58 -6.16
CA SER B 57 8.59 -2.31 -6.82
C SER B 57 8.08 -1.60 -8.07
N SER B 58 7.84 -0.29 -7.94
CA SER B 58 7.37 0.51 -9.07
C SER B 58 8.41 0.57 -10.18
N TRP B 59 9.65 0.92 -9.81
CA TRP B 59 10.80 0.92 -10.73
C TRP B 59 10.89 -0.36 -11.57
N ARG B 60 10.78 -1.52 -10.93
CA ARG B 60 10.91 -2.79 -11.64
C ARG B 60 9.80 -2.98 -12.66
N VAL B 61 8.56 -2.72 -12.23
CA VAL B 61 7.41 -2.79 -13.13
C VAL B 61 7.60 -1.88 -14.33
N VAL B 62 8.06 -0.65 -14.09
CA VAL B 62 8.21 0.35 -15.17
C VAL B 62 9.39 0.02 -16.09
N SER B 63 10.52 -0.38 -15.51
CA SER B 63 11.65 -0.89 -16.29
C SER B 63 11.21 -2.04 -17.18
N SER B 64 10.44 -2.97 -16.62
CA SER B 64 9.93 -4.11 -17.40
C SER B 64 9.10 -3.64 -18.59
N ILE B 65 8.19 -2.69 -18.36
CA ILE B 65 7.36 -2.12 -19.44
C ILE B 65 8.26 -1.47 -20.49
N GLU B 66 9.24 -0.67 -20.03
CA GLU B 66 10.21 -0.01 -20.91
C GLU B 66 10.90 -0.97 -21.88
N GLN B 67 11.33 -2.11 -21.37
CA GLN B 67 12.10 -3.07 -22.15
C GLN B 67 11.31 -3.75 -23.27
N LYS B 68 10.04 -4.07 -23.00
CA LYS B 68 9.18 -4.68 -24.02
C LYS B 68 8.31 -3.65 -24.77
N THR B 69 8.93 -2.53 -25.15
CA THR B 69 8.35 -1.58 -26.10
C THR B 69 9.44 -1.12 -27.09
N GLU B 70 10.25 -2.08 -27.56
CA GLU B 70 11.39 -1.79 -28.46
C GLU B 70 10.96 -1.82 -29.92
N GLU B 73 7.72 2.42 -28.95
CA GLU B 73 8.71 3.35 -29.46
C GLU B 73 8.60 4.76 -28.85
N LYS B 74 7.38 5.29 -28.82
CA LYS B 74 7.06 6.57 -28.17
C LYS B 74 6.62 6.28 -26.75
N LYS B 75 5.85 5.20 -26.59
CA LYS B 75 5.56 4.57 -25.30
C LYS B 75 6.83 4.35 -24.45
N GLN B 76 7.95 4.07 -25.11
CA GLN B 76 9.23 3.88 -24.44
C GLN B 76 9.77 5.15 -23.77
N GLN B 77 9.70 6.29 -24.46
CA GLN B 77 10.14 7.57 -23.88
C GLN B 77 9.36 7.92 -22.61
N MET B 78 8.05 7.69 -22.63
CA MET B 78 7.18 7.92 -21.47
C MET B 78 7.61 7.07 -20.29
N ALA B 79 7.71 5.76 -20.52
CA ALA B 79 8.17 4.82 -19.50
C ALA B 79 9.50 5.27 -18.91
N ARG B 80 10.48 5.48 -19.80
CA ARG B 80 11.83 5.94 -19.43
C ARG B 80 11.78 7.16 -18.51
N GLU B 81 11.02 8.17 -18.90
CA GLU B 81 10.88 9.39 -18.10
C GLU B 81 10.22 9.11 -16.73
N TYR B 82 9.21 8.23 -16.72
CA TYR B 82 8.57 7.84 -15.46
C TYR B 82 9.51 7.04 -14.57
N ARG B 83 10.25 6.10 -15.14
CA ARG B 83 11.33 5.39 -14.45
C ARG B 83 12.32 6.38 -13.81
N GLU B 84 12.74 7.40 -14.57
CA GLU B 84 13.69 8.40 -14.06
C GLU B 84 13.12 9.20 -12.88
N LYS B 85 11.84 9.58 -12.97
CA LYS B 85 11.12 10.21 -11.86
C LYS B 85 11.17 9.31 -10.61
N ILE B 86 10.92 8.01 -10.80
CA ILE B 86 10.95 7.03 -9.71
C ILE B 86 12.37 6.83 -9.14
N GLU B 87 13.36 6.70 -10.02
CA GLU B 87 14.76 6.61 -9.59
C GLU B 87 15.17 7.82 -8.75
N THR B 88 14.77 9.01 -9.18
CA THR B 88 15.06 10.23 -8.43
C THR B 88 14.52 10.10 -7.02
N GLU B 89 13.23 9.77 -6.90
CA GLU B 89 12.61 9.54 -5.59
C GLU B 89 13.40 8.55 -4.74
N LEU B 90 13.77 7.43 -5.35
CA LEU B 90 14.49 6.33 -4.67
C LEU B 90 15.84 6.78 -4.12
N ARG B 91 16.64 7.44 -4.97
CA ARG B 91 17.96 7.95 -4.57
C ARG B 91 17.88 8.88 -3.36
N ASP B 92 16.93 9.81 -3.39
CA ASP B 92 16.76 10.76 -2.29
C ASP B 92 16.42 10.09 -0.97
N ILE B 93 15.62 9.03 -1.03
CA ILE B 93 15.31 8.22 0.17
C ILE B 93 16.57 7.48 0.62
N CYS B 94 17.24 6.82 -0.31
CA CYS B 94 18.50 6.12 0.03
C CYS B 94 19.58 7.07 0.62
N ASN B 95 19.78 8.21 -0.02
CA ASN B 95 20.71 9.23 0.51
C ASN B 95 20.28 9.77 1.89
N ASP B 96 18.97 9.90 2.09
CA ASP B 96 18.41 10.29 3.40
C ASP B 96 18.91 9.33 4.51
N VAL B 97 18.72 8.03 4.33
CA VAL B 97 19.06 7.01 5.33
C VAL B 97 20.57 6.95 5.55
N LEU B 98 21.32 6.99 4.45
CA LEU B 98 22.77 6.90 4.49
C LEU B 98 23.40 8.09 5.21
N SER B 99 22.80 9.26 5.07
CA SER B 99 23.18 10.44 5.85
C SER B 99 22.89 10.21 7.33
N LEU B 100 21.70 9.67 7.65
CA LEU B 100 21.39 9.31 9.04
C LEU B 100 22.36 8.28 9.61
N LEU B 101 22.79 7.33 8.78
CA LEU B 101 23.75 6.31 9.21
C LEU B 101 25.17 6.86 9.43
N GLU B 102 25.64 7.68 8.49
CA GLU B 102 26.98 8.28 8.58
C GLU B 102 27.06 9.31 9.71
N LYS B 103 26.16 10.29 9.70
CA LYS B 103 26.20 11.42 10.64
C LYS B 103 25.79 11.05 12.09
N PHE B 104 24.96 10.02 12.28
CA PHE B 104 24.41 9.69 13.62
C PHE B 104 24.58 8.25 14.10
N LEU B 105 24.11 7.26 13.33
CA LEU B 105 23.90 5.91 13.87
C LEU B 105 25.17 5.09 14.01
N ILE B 106 25.98 5.04 12.94
CA ILE B 106 27.22 4.28 12.94
C ILE B 106 28.26 4.83 13.96
N PRO B 107 28.44 6.18 14.02
CA PRO B 107 29.31 6.79 15.04
C PRO B 107 28.96 6.46 16.51
N ASN B 108 27.68 6.44 16.83
CA ASN B 108 27.22 6.20 18.22
C ASN B 108 27.01 4.72 18.57
N ALA B 109 27.29 3.81 17.64
CA ALA B 109 27.07 2.38 17.89
C ALA B 109 28.11 1.82 18.88
N SER B 110 27.71 1.74 20.15
CA SER B 110 28.60 1.24 21.22
C SER B 110 28.63 -0.30 21.31
N GLN B 111 27.46 -0.93 21.23
CA GLN B 111 27.38 -2.40 21.24
C GLN B 111 27.80 -2.94 19.88
N ALA B 112 28.24 -4.19 19.87
CA ALA B 112 28.60 -4.88 18.61
C ALA B 112 27.39 -5.12 17.71
N GLU B 113 26.24 -5.45 18.31
CA GLU B 113 25.03 -5.71 17.51
C GLU B 113 24.43 -4.47 16.84
N SER B 114 24.51 -3.31 17.52
CA SER B 114 24.13 -2.04 16.91
C SER B 114 25.01 -1.74 15.70
N LYS B 115 26.32 -1.94 15.87
CA LYS B 115 27.29 -1.63 14.83
C LYS B 115 27.03 -2.49 13.58
N VAL B 116 26.86 -3.80 13.79
CA VAL B 116 26.57 -4.73 12.70
C VAL B 116 25.25 -4.39 12.00
N PHE B 117 24.21 -4.12 12.80
CA PHE B 117 22.88 -3.75 12.29
C PHE B 117 22.92 -2.54 11.38
N TYR B 118 23.61 -1.48 11.82
CA TYR B 118 23.70 -0.25 11.02
C TYR B 118 24.60 -0.39 9.78
N LEU B 119 25.63 -1.24 9.86
CA LEU B 119 26.46 -1.52 8.70
C LEU B 119 25.73 -2.37 7.65
N LYS B 120 24.90 -3.32 8.11
CA LYS B 120 24.00 -4.07 7.21
C LYS B 120 23.06 -3.11 6.52
N MET B 121 22.48 -2.17 7.27
CA MET B 121 21.66 -1.11 6.67
C MET B 121 22.44 -0.32 5.61
N LYS B 122 23.63 0.16 5.96
CA LYS B 122 24.47 0.89 5.02
C LYS B 122 24.67 0.08 3.74
N GLY B 123 24.96 -1.22 3.90
CA GLY B 123 25.10 -2.11 2.76
C GLY B 123 23.84 -2.22 1.92
N ASP B 124 22.71 -2.42 2.59
CA ASP B 124 21.39 -2.50 1.94
C ASP B 124 21.11 -1.24 1.10
N TYR B 125 21.26 -0.07 1.69
CA TYR B 125 20.87 1.14 0.97
C TYR B 125 21.82 1.53 -0.20
N TYR B 126 23.11 1.23 -0.09
CA TYR B 126 24.00 1.32 -1.26
C TYR B 126 23.64 0.27 -2.30
N ARG B 127 23.23 -0.92 -1.86
CA ARG B 127 22.73 -1.95 -2.81
C ARG B 127 21.49 -1.46 -3.62
N TYR B 128 20.57 -0.77 -2.96
CA TYR B 128 19.39 -0.24 -3.65
C TYR B 128 19.80 0.85 -4.64
N LEU B 129 20.82 1.63 -4.30
CA LEU B 129 21.39 2.61 -5.25
C LEU B 129 22.08 1.94 -6.41
N ALA B 130 22.74 0.81 -6.15
CA ALA B 130 23.39 0.03 -7.20
C ALA B 130 22.37 -0.48 -8.20
N GLU B 131 21.22 -0.95 -7.71
CA GLU B 131 20.12 -1.45 -8.54
C GLU B 131 19.65 -0.47 -9.64
N VAL B 132 19.80 0.83 -9.41
CA VAL B 132 19.39 1.88 -10.36
C VAL B 132 20.54 2.77 -10.87
N ALA B 133 21.79 2.35 -10.66
CA ALA B 133 22.95 3.11 -11.11
C ALA B 133 23.45 2.65 -12.47
N ALA B 134 24.01 3.60 -13.23
CA ALA B 134 24.67 3.34 -14.51
C ALA B 134 26.18 3.25 -14.33
N GLY B 135 26.84 2.59 -15.28
CA GLY B 135 28.29 2.30 -15.22
C GLY B 135 29.19 3.36 -14.59
N ASP B 136 28.95 4.62 -14.95
CA ASP B 136 29.73 5.77 -14.45
C ASP B 136 29.89 5.80 -12.93
N ASP B 137 28.76 5.74 -12.22
CA ASP B 137 28.75 5.78 -10.76
C ASP B 137 28.62 4.39 -10.10
N LYS B 138 28.20 3.37 -10.85
CA LYS B 138 27.85 2.05 -10.27
C LYS B 138 28.98 1.33 -9.55
N LYS B 139 30.13 1.24 -10.21
CA LYS B 139 31.34 0.61 -9.63
C LYS B 139 31.59 1.05 -8.19
N GLY B 140 31.59 2.36 -7.96
CA GLY B 140 31.83 2.94 -6.62
C GLY B 140 30.72 2.80 -5.59
N ILE B 141 29.46 2.80 -6.07
CA ILE B 141 28.29 2.53 -5.25
C ILE B 141 28.36 1.08 -4.75
N VAL B 142 28.62 0.15 -5.68
CA VAL B 142 28.75 -1.26 -5.36
C VAL B 142 29.82 -1.51 -4.30
N ASP B 143 30.96 -0.84 -4.44
CA ASP B 143 32.08 -1.04 -3.51
C ASP B 143 31.81 -0.49 -2.11
N GLN B 144 31.06 0.62 -2.04
CA GLN B 144 30.59 1.13 -0.75
C GLN B 144 29.66 0.12 -0.05
N SER B 145 28.84 -0.57 -0.84
CA SER B 145 27.91 -1.58 -0.32
C SER B 145 28.66 -2.81 0.18
N GLN B 146 29.56 -3.31 -0.65
CA GLN B 146 30.45 -4.43 -0.30
C GLN B 146 31.29 -4.13 0.94
N GLN B 147 31.90 -2.95 0.98
CA GLN B 147 32.76 -2.54 2.11
C GLN B 147 31.98 -2.57 3.42
N ALA B 148 30.79 -1.96 3.41
CA ALA B 148 29.88 -1.95 4.56
C ALA B 148 29.44 -3.36 4.96
N TYR B 149 29.06 -4.17 3.98
CA TYR B 149 28.67 -5.55 4.27
C TYR B 149 29.80 -6.36 4.89
N GLN B 150 31.00 -6.23 4.29
CA GLN B 150 32.16 -7.00 4.71
C GLN B 150 32.56 -6.68 6.14
N GLU B 151 32.55 -5.39 6.48
CA GLU B 151 32.87 -4.97 7.84
C GLU B 151 31.86 -5.55 8.84
N ALA B 152 30.57 -5.45 8.51
CA ALA B 152 29.49 -6.05 9.29
C ALA B 152 29.65 -7.57 9.42
N PHE B 153 30.00 -8.23 8.32
CA PHE B 153 30.22 -9.67 8.31
C PHE B 153 31.38 -10.09 9.21
N GLU B 154 32.48 -9.32 9.18
CA GLU B 154 33.66 -9.65 9.98
C GLU B 154 33.41 -9.48 11.48
N ILE B 155 32.72 -8.41 11.86
CA ILE B 155 32.38 -8.15 13.27
C ILE B 155 31.40 -9.22 13.77
N SER B 156 30.41 -9.51 12.94
CA SER B 156 29.41 -10.55 13.18
C SER B 156 30.04 -11.93 13.40
N LYS B 157 31.02 -12.26 12.55
CA LYS B 157 31.73 -13.56 12.65
C LYS B 157 32.45 -13.67 13.99
N LYS B 158 33.07 -12.58 14.44
CA LYS B 158 33.82 -12.56 15.71
C LYS B 158 32.92 -12.58 16.95
N GLU B 159 31.95 -11.68 17.01
CA GLU B 159 31.24 -11.35 18.25
C GLU B 159 29.77 -11.81 18.40
N MET B 160 29.19 -12.45 17.39
CA MET B 160 27.82 -12.98 17.50
C MET B 160 27.76 -14.47 17.24
N GLN B 161 26.87 -15.15 17.96
CA GLN B 161 26.66 -16.58 17.76
C GLN B 161 25.96 -16.81 16.40
N PRO B 162 26.21 -17.96 15.76
CA PRO B 162 25.64 -18.25 14.43
C PRO B 162 24.11 -18.17 14.29
N THR B 163 23.39 -18.39 15.39
CA THR B 163 21.93 -18.30 15.39
C THR B 163 21.38 -16.88 15.56
N HIS B 164 22.24 -15.91 15.87
CA HIS B 164 21.79 -14.54 16.09
C HIS B 164 21.03 -14.04 14.85
N PRO B 165 19.79 -13.54 15.01
CA PRO B 165 18.98 -13.06 13.88
C PRO B 165 19.64 -12.01 12.99
N ILE B 166 20.51 -11.19 13.58
CA ILE B 166 21.21 -10.15 12.84
C ILE B 166 22.34 -10.73 12.00
N ARG B 167 23.06 -11.72 12.53
CA ARG B 167 24.08 -12.40 11.74
C ARG B 167 23.44 -13.09 10.54
N LEU B 168 22.39 -13.87 10.80
CA LEU B 168 21.67 -14.61 9.76
C LEU B 168 21.07 -13.68 8.70
N GLY B 169 20.41 -12.62 9.15
CA GLY B 169 19.85 -11.61 8.26
C GLY B 169 20.91 -10.87 7.45
N LEU B 170 22.09 -10.69 8.03
CA LEU B 170 23.24 -10.14 7.29
C LEU B 170 23.71 -11.12 6.21
N ALA B 171 23.87 -12.39 6.58
CA ALA B 171 24.24 -13.42 5.60
C ALA B 171 23.26 -13.46 4.43
N LEU B 172 21.97 -13.48 4.75
CA LEU B 172 20.92 -13.47 3.72
C LEU B 172 21.04 -12.27 2.77
N ASN B 173 21.23 -11.06 3.29
CA ASN B 173 21.31 -9.87 2.44
C ASN B 173 22.63 -9.74 1.66
N PHE B 174 23.73 -10.15 2.28
CA PHE B 174 25.05 -10.10 1.64
C PHE B 174 25.08 -11.12 0.51
N SER B 175 24.49 -12.28 0.74
CA SER B 175 24.28 -13.29 -0.28
C SER B 175 23.50 -12.75 -1.49
N VAL B 176 22.39 -12.07 -1.24
CA VAL B 176 21.61 -11.43 -2.29
C VAL B 176 22.44 -10.37 -3.05
N PHE B 177 23.30 -9.64 -2.33
CA PHE B 177 24.25 -8.70 -2.96
C PHE B 177 25.16 -9.43 -3.93
N TYR B 178 25.77 -10.51 -3.47
CA TYR B 178 26.62 -11.34 -4.33
C TYR B 178 25.88 -11.86 -5.58
N TYR B 179 24.68 -12.37 -5.37
CA TYR B 179 23.88 -12.96 -6.47
C TYR B 179 23.38 -11.94 -7.49
N GLU B 180 22.78 -10.86 -7.02
CA GLU B 180 22.11 -9.91 -7.91
C GLU B 180 23.02 -8.78 -8.39
N ILE B 181 23.91 -8.30 -7.53
CA ILE B 181 24.75 -7.15 -7.87
C ILE B 181 26.06 -7.59 -8.53
N LEU B 182 26.77 -8.56 -7.94
CA LEU B 182 28.05 -9.03 -8.48
C LEU B 182 27.96 -10.28 -9.39
N ASN B 183 26.76 -10.71 -9.77
CA ASN B 183 26.57 -11.88 -10.66
C ASN B 183 27.50 -13.03 -10.33
N SER B 184 27.47 -13.45 -9.08
CA SER B 184 28.28 -14.56 -8.59
C SER B 184 27.38 -15.55 -7.84
N PRO B 185 26.73 -16.46 -8.58
CA PRO B 185 25.92 -17.50 -7.93
C PRO B 185 26.68 -18.29 -6.85
N GLU B 186 27.94 -18.63 -7.11
CA GLU B 186 28.72 -19.51 -6.20
C GLU B 186 29.04 -18.85 -4.85
N LYS B 187 29.41 -17.58 -4.89
CA LYS B 187 29.73 -16.83 -3.67
C LYS B 187 28.46 -16.56 -2.87
N ALA B 188 27.36 -16.28 -3.57
CA ALA B 188 26.05 -16.12 -2.95
C ALA B 188 25.58 -17.43 -2.32
N CYS B 189 25.84 -18.56 -2.98
CA CYS B 189 25.43 -19.87 -2.48
C CYS B 189 26.22 -20.35 -1.26
N SER B 190 27.53 -20.09 -1.21
CA SER B 190 28.31 -20.56 -0.05
C SER B 190 28.03 -19.72 1.20
N LEU B 191 27.91 -18.40 1.04
CA LEU B 191 27.47 -17.51 2.12
C LEU B 191 26.16 -17.98 2.73
N ALA B 192 25.17 -18.22 1.88
CA ALA B 192 23.87 -18.74 2.35
C ALA B 192 24.01 -20.13 2.99
N LYS B 193 24.81 -21.00 2.39
CA LYS B 193 25.00 -22.36 2.91
C LYS B 193 25.78 -22.41 4.23
N THR B 194 26.77 -21.53 4.37
CA THR B 194 27.60 -21.49 5.58
C THR B 194 26.76 -21.03 6.76
N ALA B 195 26.04 -19.93 6.57
CA ALA B 195 25.20 -19.35 7.63
C ALA B 195 24.16 -20.35 8.09
N PHE B 196 23.55 -21.04 7.13
CA PHE B 196 22.56 -22.06 7.45
C PHE B 196 23.17 -23.20 8.25
N ASP B 197 24.21 -23.81 7.69
CA ASP B 197 24.88 -24.97 8.32
C ASP B 197 25.40 -24.68 9.73
N GLU B 198 25.97 -23.49 9.94
CA GLU B 198 26.52 -23.12 11.26
C GLU B 198 25.42 -22.95 12.29
N ALA B 199 24.33 -22.31 11.88
CA ALA B 199 23.19 -22.07 12.75
C ALA B 199 22.50 -23.37 13.14
N ILE B 200 22.29 -24.26 12.16
CA ILE B 200 21.61 -25.51 12.42
C ILE B 200 22.42 -26.46 13.32
N ALA B 201 23.76 -26.32 13.31
CA ALA B 201 24.63 -27.07 14.21
C ALA B 201 24.54 -26.60 15.68
N GLU B 202 24.29 -25.31 15.89
CA GLU B 202 24.20 -24.72 17.23
C GLU B 202 22.77 -24.30 17.59
N LEU B 203 21.83 -25.24 17.39
CA LEU B 203 20.40 -24.95 17.58
C LEU B 203 19.97 -24.94 19.06
N ASP B 204 20.85 -25.41 19.95
CA ASP B 204 20.64 -25.38 21.41
C ASP B 204 20.84 -23.97 21.97
N THR B 205 21.54 -23.12 21.22
CA THR B 205 21.87 -21.76 21.66
C THR B 205 20.77 -20.70 21.49
N LEU B 206 19.61 -21.09 20.93
CA LEU B 206 18.54 -20.12 20.64
C LEU B 206 17.76 -19.73 21.88
N SER B 207 17.55 -18.42 22.03
CA SER B 207 16.68 -17.87 23.06
C SER B 207 15.23 -17.96 22.59
N GLU B 208 14.31 -18.04 23.54
CA GLU B 208 12.88 -17.89 23.27
C GLU B 208 12.53 -16.46 22.82
N GLU B 209 13.38 -15.49 23.17
CA GLU B 209 13.21 -14.09 22.72
C GLU B 209 13.31 -13.88 21.21
N SER B 210 14.01 -14.78 20.51
CA SER B 210 14.19 -14.66 19.06
C SER B 210 14.34 -16.00 18.30
N TYR B 211 13.78 -17.11 18.82
CA TYR B 211 13.81 -18.41 18.11
C TYR B 211 13.00 -18.31 16.81
N LYS B 212 11.88 -17.59 16.85
CA LYS B 212 11.01 -17.43 15.67
C LYS B 212 11.67 -16.60 14.55
N ASP B 213 12.39 -15.54 14.91
CA ASP B 213 13.15 -14.75 13.94
C ASP B 213 14.27 -15.59 13.31
N SER B 214 15.06 -16.25 14.14
CA SER B 214 16.22 -17.01 13.66
C SER B 214 15.80 -18.14 12.73
N THR B 215 14.83 -18.94 13.16
CA THR B 215 14.33 -20.03 12.34
C THR B 215 13.69 -19.55 11.03
N LEU B 216 12.98 -18.41 11.05
CA LEU B 216 12.42 -17.83 9.82
C LEU B 216 13.52 -17.50 8.81
N ILE B 217 14.58 -16.84 9.26
CA ILE B 217 15.67 -16.39 8.39
C ILE B 217 16.44 -17.58 7.84
N MET B 218 16.63 -18.61 8.66
CA MET B 218 17.22 -19.87 8.20
C MET B 218 16.48 -20.48 7.02
N GLN B 219 15.15 -20.48 7.11
CA GLN B 219 14.31 -20.98 6.02
C GLN B 219 14.51 -20.18 4.75
N LEU B 220 14.63 -18.86 4.88
CA LEU B 220 14.83 -17.98 3.71
C LEU B 220 16.19 -18.20 3.06
N LEU B 221 17.22 -18.40 3.87
CA LEU B 221 18.57 -18.73 3.37
C LEU B 221 18.53 -19.97 2.50
N ARG B 222 18.00 -21.05 3.07
CA ARG B 222 17.86 -22.32 2.35
C ARG B 222 16.93 -22.24 1.14
N ASP B 223 15.87 -21.43 1.20
CA ASP B 223 15.04 -21.18 0.01
C ASP B 223 15.85 -20.57 -1.13
N ASN B 224 16.63 -19.54 -0.83
CA ASN B 224 17.48 -18.90 -1.84
C ASN B 224 18.51 -19.90 -2.37
N LEU B 225 19.13 -20.66 -1.46
CA LEU B 225 20.11 -21.68 -1.84
C LEU B 225 19.51 -22.72 -2.78
N THR B 226 18.34 -23.24 -2.41
CA THR B 226 17.62 -24.25 -3.19
C THR B 226 17.27 -23.75 -4.61
N LEU B 227 16.87 -22.49 -4.72
CA LEU B 227 16.55 -21.88 -6.01
C LEU B 227 17.80 -21.72 -6.86
N TRP B 228 18.82 -21.10 -6.27
CA TRP B 228 20.04 -20.72 -7.00
C TRP B 228 20.97 -21.84 -7.42
N THR B 229 20.75 -23.05 -6.91
CA THR B 229 21.47 -24.24 -7.38
C THR B 229 20.49 -25.18 -8.09
N SER B 230 19.66 -24.62 -8.97
CA SER B 230 18.59 -25.36 -9.63
C SER B 230 17.62 -24.42 -10.37
C SER C 1 12.87 -14.15 -12.23
N ARG C 2 13.50 -13.50 -13.21
CA ARG C 2 13.67 -12.04 -13.23
C ARG C 2 12.67 -11.34 -14.20
N SER C 3 11.45 -11.15 -13.72
CA SER C 3 10.40 -10.38 -14.41
C SER C 3 10.23 -8.98 -13.78
N GLY C 4 9.22 -8.24 -14.25
CA GLY C 4 8.84 -6.96 -13.62
C GLY C 4 8.19 -7.06 -12.24
N LEU C 5 7.65 -8.25 -11.92
CA LEU C 5 7.08 -8.54 -10.60
C LEU C 5 7.99 -9.46 -9.79
N TYR C 6 9.31 -9.29 -9.91
CA TYR C 6 10.30 -10.09 -9.18
C TYR C 6 10.72 -9.37 -7.90
N ARG C 7 10.58 -10.05 -6.77
CA ARG C 7 11.07 -9.57 -5.48
C ARG C 7 12.44 -10.18 -5.19
N SER C 8 13.40 -9.34 -4.83
CA SER C 8 14.72 -9.80 -4.41
C SER C 8 14.53 -10.47 -3.05
N PRO C 9 14.92 -11.75 -2.90
CA PRO C 9 14.55 -12.48 -1.69
C PRO C 9 15.50 -12.22 -0.51
N SEP C 10 15.51 -10.96 -0.06
CA SEP C 10 16.36 -10.50 1.05
CB SEP C 10 16.85 -9.10 0.67
OG SEP C 10 15.71 -8.27 0.50
C SEP C 10 15.53 -10.51 2.33
O SEP C 10 14.44 -11.08 2.34
P SEP C 10 15.85 -6.72 0.07
O1P SEP C 10 16.72 -6.15 1.16
O2P SEP C 10 16.43 -6.76 -1.31
O3P SEP C 10 14.44 -6.20 0.06
N MET C 11 16.03 -9.88 3.40
CA MET C 11 15.30 -9.78 4.66
C MET C 11 13.98 -9.01 4.54
N PRO C 12 12.85 -9.65 4.89
CA PRO C 12 11.55 -8.97 4.89
C PRO C 12 11.32 -8.19 6.18
N GLU C 13 10.54 -7.10 6.10
CA GLU C 13 10.09 -6.38 7.30
C GLU C 13 9.00 -7.18 8.06
N ASN C 14 9.39 -8.27 8.72
CA ASN C 14 8.43 -9.27 9.23
C ASN C 14 8.58 -9.68 10.70
N LEU C 15 7.53 -10.33 11.20
CA LEU C 15 7.35 -10.73 12.59
C LEU C 15 7.20 -9.51 13.50
N ASN C 16 6.23 -8.65 13.13
CA ASN C 16 5.79 -7.49 13.93
C ASN C 16 4.43 -7.82 14.57
N ARG C 17 4.17 -7.23 15.74
CA ARG C 17 2.92 -7.48 16.49
C ARG C 17 2.69 -6.44 17.61
N PRO C 18 1.42 -6.17 17.98
CA PRO C 18 1.14 -5.14 18.98
C PRO C 18 1.51 -5.56 20.40
N SER D 1 -17.88 -8.75 11.21
CA SER D 1 -17.63 -8.22 12.58
C SER D 1 -16.85 -6.90 12.55
N ARG D 2 -17.48 -5.84 13.05
CA ARG D 2 -16.90 -4.49 13.05
C ARG D 2 -15.69 -4.40 13.99
N SER D 3 -14.59 -3.86 13.46
CA SER D 3 -13.35 -3.71 14.21
C SER D 3 -12.42 -2.80 13.39
N GLY D 4 -11.21 -2.56 13.89
CA GLY D 4 -10.22 -1.74 13.16
C GLY D 4 -9.83 -2.24 11.78
N LEU D 5 -9.97 -3.56 11.56
CA LEU D 5 -9.63 -4.20 10.28
C LEU D 5 -10.82 -4.45 9.33
N TYR D 6 -12.04 -4.22 9.81
CA TYR D 6 -13.24 -4.44 9.02
C TYR D 6 -13.26 -3.59 7.75
N ARG D 7 -13.55 -4.24 6.61
CA ARG D 7 -13.78 -3.55 5.34
C ARG D 7 -15.27 -3.55 5.02
N SER D 8 -15.79 -2.40 4.61
CA SER D 8 -17.18 -2.28 4.24
C SER D 8 -17.37 -3.13 3.00
N PRO D 9 -18.34 -4.07 3.01
CA PRO D 9 -18.44 -5.03 1.94
C PRO D 9 -19.14 -4.47 0.70
N SEP D 10 -18.60 -3.36 0.20
CA SEP D 10 -19.11 -2.63 -0.94
CB SEP D 10 -18.88 -1.15 -0.70
OG SEP D 10 -17.49 -0.89 -0.64
C SEP D 10 -18.37 -3.12 -2.15
O SEP D 10 -17.57 -4.06 -2.06
P SEP D 10 -17.01 0.63 -0.34
O1P SEP D 10 -17.59 0.96 0.99
O2P SEP D 10 -15.51 0.51 -0.30
O3P SEP D 10 -17.57 1.46 -1.48
N MET D 11 -18.63 -2.51 -3.30
CA MET D 11 -18.06 -2.96 -4.56
C MET D 11 -16.55 -2.80 -4.61
N PRO D 12 -15.83 -3.86 -5.01
CA PRO D 12 -14.39 -3.73 -5.27
C PRO D 12 -14.11 -3.14 -6.66
N GLU D 13 -12.96 -2.50 -6.83
CA GLU D 13 -12.51 -2.06 -8.16
C GLU D 13 -11.60 -3.16 -8.69
N ASN D 14 -12.17 -4.16 -9.35
CA ASN D 14 -11.46 -5.42 -9.63
C ASN D 14 -11.97 -6.18 -10.86
N LEU D 15 -11.18 -7.17 -11.28
CA LEU D 15 -11.38 -7.99 -12.48
C LEU D 15 -11.11 -7.17 -13.74
N ASN D 16 -9.91 -6.58 -13.78
CA ASN D 16 -9.51 -5.61 -14.81
C ASN D 16 -9.09 -6.25 -16.14
N ARG D 17 -9.99 -6.19 -17.13
CA ARG D 17 -9.71 -6.51 -18.54
C ARG D 17 -9.06 -7.88 -18.78
OAC 9SZ E . -25.05 6.08 17.46
PAB 9SZ E . -26.20 6.31 16.36
OAD 9SZ E . -26.90 7.71 16.78
OAA 9SZ E . -25.66 6.35 14.99
OAE 9SZ E . -27.30 5.16 16.59
CAF 9SZ E . -27.31 4.40 17.77
CAG 9SZ E . -28.14 4.79 18.81
CBK 9SZ E . -29.09 5.96 19.06
CBJ 9SZ E . -28.79 6.20 20.57
CBL 9SZ E . -30.47 5.36 19.18
CBM 9SZ E . -31.64 5.46 18.43
CBN 9SZ E . -32.80 4.80 18.81
CBT 9SZ E . -34.20 4.72 18.23
CBS 9SZ E . -35.02 4.69 19.57
CBU 9SZ E . -34.38 3.27 17.83
CBV 9SZ E . -34.53 2.69 16.59
CBW 9SZ E . -34.68 1.30 16.51
CBX 9SZ E . -34.69 0.53 17.69
CBY 9SZ E . -34.53 1.16 18.93
CBZ 9SZ E . -34.37 2.52 18.97
CBR 9SZ E . -34.20 3.47 20.14
CBO 9SZ E . -32.80 4.04 19.98
CBP 9SZ E . -31.64 3.95 20.74
CBQ 9SZ E . -30.47 4.60 20.35
CBI 9SZ E . -29.10 4.71 20.95
CAH 9SZ E . -28.14 4.02 19.99
CAI 9SZ E . -27.32 2.90 20.06
OAJ 9SZ E . -27.33 2.13 21.24
PAK 9SZ E . -28.31 0.86 21.39
OAM 9SZ E . -27.45 -0.37 21.04
OAN 9SZ E . -28.60 0.74 22.90
OAL 9SZ E . -29.54 0.96 20.56
CAO 9SZ E . -26.52 2.49 19.00
CAP 9SZ E . -26.50 3.27 17.83
CAQ 9SZ E . -25.53 2.61 16.87
CAR 9SZ E . -24.49 2.14 17.94
CAS 9SZ E . -25.53 1.35 18.81
CAT 9SZ E . -26.01 0.48 17.68
CAY 9SZ E . -26.00 1.23 16.51
CAX 9SZ E . -26.35 0.63 15.31
CAW 9SZ E . -26.74 -0.70 15.25
CAZ 9SZ E . -27.19 -1.60 14.12
CBA 9SZ E . -26.52 -2.93 14.62
CBH 9SZ E . -28.62 -1.93 14.44
CBG 9SZ E . -29.79 -1.62 13.79
CBF 9SZ E . -31.00 -2.07 14.32
CBE 9SZ E . -31.01 -2.84 15.50
CBD 9SZ E . -29.81 -3.15 16.13
CBC 9SZ E . -28.63 -2.68 15.59
CBB 9SZ E . -27.19 -2.85 16.04
CAV 9SZ E . -26.75 -1.45 16.41
CAU 9SZ E . -26.37 -0.87 17.61
C BEZ F . -24.72 -17.42 -5.59
O1 BEZ F . -24.73 -16.40 -4.87
O2 BEZ F . -24.43 -18.52 -5.07
C1 BEZ F . -25.02 -17.34 -7.05
C2 BEZ F . -24.80 -16.15 -7.74
C3 BEZ F . -25.09 -16.07 -9.11
C4 BEZ F . -25.60 -17.18 -9.78
C5 BEZ F . -25.83 -18.36 -9.08
C6 BEZ F . -25.54 -18.44 -7.73
OAC 9SZ G . 10.12 8.20 -32.55
PAB 9SZ G . 10.09 9.38 -31.45
OAD 9SZ G . 11.09 8.88 -30.28
OAA 9SZ G . 10.50 10.68 -32.03
OAE 9SZ G . 8.61 9.38 -30.83
CAF 9SZ G . 7.76 10.46 -31.04
CAG 9SZ G . 6.92 10.46 -32.15
CBK 9SZ G . 6.70 9.49 -33.31
CBJ 9SZ G . 6.42 10.52 -34.43
CBL 9SZ G . 5.28 8.98 -33.10
CBM 9SZ G . 4.75 7.74 -32.79
CBN 9SZ G . 3.38 7.55 -32.68
CBT 9SZ G . 2.51 6.35 -32.35
CBS 9SZ G . 1.29 6.68 -33.29
CBU 9SZ G . 1.87 6.69 -31.03
CBV 9SZ G . 2.01 6.11 -29.78
CBW 9SZ G . 1.28 6.64 -28.71
CBX 9SZ G . 0.41 7.73 -28.92
CBY 9SZ G . 0.29 8.29 -30.19
CBZ 9SZ G . 1.03 7.74 -31.23
CBR 9SZ G . 1.12 8.12 -32.69
CBO 9SZ G . 2.52 8.62 -32.89
CBP 9SZ G . 3.05 9.87 -33.21
CBQ 9SZ G . 4.42 10.05 -33.32
CBI 9SZ G . 5.30 11.24 -33.65
CAH 9SZ G . 6.06 11.56 -32.37
CAI 9SZ G . 6.06 12.60 -31.45
OAJ 9SZ G . 5.21 13.69 -31.66
PAK 9SZ G . 3.60 13.50 -31.60
OAM 9SZ G . 3.15 14.22 -30.31
OAN 9SZ G . 3.04 14.35 -32.77
OAL 9SZ G . 3.17 12.08 -31.65
CAO 9SZ G . 6.89 12.60 -30.34
CAP 9SZ G . 7.76 11.51 -30.13
CAQ 9SZ G . 8.52 11.80 -28.85
CAR 9SZ G . 8.64 13.35 -28.99
CAS 9SZ G . 7.11 13.59 -29.20
CAT 9SZ G . 6.62 12.83 -27.98
CAY 9SZ G . 7.47 11.77 -27.78
CAX 9SZ G . 7.25 10.91 -26.71
CAW 9SZ G . 6.19 11.11 -25.83
CAZ 9SZ G . 5.69 10.37 -24.62
CBA 9SZ G . 5.19 11.60 -23.78
CBH 9SZ G . 4.36 9.82 -25.05
CBG 9SZ G . 3.93 8.52 -25.25
CBF 9SZ G . 2.62 8.29 -25.67
CBE 9SZ G . 1.75 9.39 -25.86
CBD 9SZ G . 2.21 10.69 -25.66
CBC 9SZ G . 3.52 10.89 -25.25
CBB 9SZ G . 4.28 12.15 -24.95
CAV 9SZ G . 5.34 12.18 -26.04
CAU 9SZ G . 5.56 13.04 -27.11
C BEZ H . 14.27 -25.42 7.01
O1 BEZ H . 14.76 -24.53 6.28
O2 BEZ H . 13.46 -26.23 6.52
C1 BEZ H . 14.65 -25.50 8.46
C2 BEZ H . 14.58 -26.71 9.13
C3 BEZ H . 14.93 -26.79 10.48
C4 BEZ H . 15.35 -25.65 11.15
C5 BEZ H . 15.43 -24.44 10.48
C6 BEZ H . 15.08 -24.36 9.13
OAC 9SZ I . 14.19 -11.65 -19.00
PAB 9SZ I . 15.48 -12.57 -18.67
OAD 9SZ I . 14.86 -14.00 -18.21
OAA 9SZ I . 16.37 -12.70 -19.85
OAE 9SZ I . 16.19 -11.94 -17.38
CAF 9SZ I . 17.22 -11.02 -17.53
CAG 9SZ I . 16.93 -9.74 -17.98
CBK 9SZ I . 15.65 -9.03 -18.43
CBJ 9SZ I . 16.26 -8.15 -19.56
CBL 9SZ I . 15.42 -7.96 -17.39
CBM 9SZ I . 14.42 -7.76 -16.44
CBN 9SZ I . 14.45 -6.65 -15.61
CBT 9SZ I . 13.53 -6.15 -14.49
CBS 9SZ I . 13.65 -4.61 -14.76
CBU 9SZ I . 14.36 -6.22 -13.24
CBV 9SZ I . 14.23 -7.01 -12.11
CBW 9SZ I . 15.16 -6.87 -11.07
CBX 9SZ I . 16.20 -5.93 -11.19
CBY 9SZ I . 16.30 -5.15 -12.35
CBZ 9SZ I . 15.37 -5.31 -13.35
CBR 9SZ I . 15.23 -4.63 -14.70
CBO 9SZ I . 15.47 -5.72 -15.73
CBP 9SZ I . 16.47 -5.92 -16.68
CBQ 9SZ I . 16.45 -7.03 -17.52
CBI 9SZ I . 17.34 -7.54 -18.63
CAH 9SZ I . 17.99 -8.81 -18.12
CAI 9SZ I . 19.28 -9.20 -17.78
OAJ 9SZ I . 20.33 -8.29 -17.92
PAK 9SZ I . 20.56 -7.04 -16.93
OAM 9SZ I . 21.53 -7.54 -15.84
OAN 9SZ I . 21.38 -6.02 -17.76
OAL 9SZ I . 19.31 -6.46 -16.40
CAO 9SZ I . 19.57 -10.48 -17.32
CAP 9SZ I . 18.51 -11.41 -17.19
CAQ 9SZ I . 19.13 -12.70 -16.68
CAR 9SZ I . 20.50 -12.62 -17.41
CAS 9SZ I . 20.84 -11.18 -16.90
CAT 9SZ I . 20.62 -11.45 -15.42
CAY 9SZ I . 19.59 -12.37 -15.30
CAX 9SZ I . 19.20 -12.79 -14.04
CAW 9SZ I . 19.82 -12.31 -12.89
CAZ 9SZ I . 19.60 -12.58 -11.42
CBA 9SZ I . 21.10 -12.46 -10.96
CBH 9SZ I . 19.10 -11.25 -10.92
CBG 9SZ I . 17.87 -10.88 -10.41
CBF 9SZ I . 17.68 -9.56 -10.02
CBE 9SZ I . 18.72 -8.62 -10.14
CBD 9SZ I . 19.96 -9.02 -10.66
CBC 9SZ I . 20.13 -10.34 -11.04
CBB 9SZ I . 21.32 -11.06 -11.62
CAV 9SZ I . 20.85 -11.40 -13.01
CAU 9SZ I . 21.25 -10.97 -14.28
OAC 9SZ J . -19.48 -4.34 19.41
PAB 9SZ J . -18.44 -4.79 18.26
OAD 9SZ J . -16.98 -4.69 18.96
OAA 9SZ J . -18.72 -6.15 17.76
OAE 9SZ J . -18.48 -3.65 17.13
CAF 9SZ J . -19.00 -2.39 17.40
CAG 9SZ J . -18.14 -1.38 17.80
CBK 9SZ J . -16.65 -1.31 18.06
CBJ 9SZ J . -16.66 -0.31 19.26
CBL 9SZ J . -16.10 -0.40 16.99
CBM 9SZ J . -15.24 -0.58 15.92
CBN 9SZ J . -14.89 0.47 15.08
CBT 9SZ J . -14.00 0.58 13.86
CBS 9SZ J . -13.41 2.01 14.12
CBU 9SZ J . -14.92 0.92 12.72
CBV 9SZ J . -15.28 0.21 11.59
CBW 9SZ J . -16.18 0.79 10.69
CBX 9SZ J . -16.69 2.08 10.93
CBY 9SZ J . -16.31 2.77 12.09
CBZ 9SZ J . -15.43 2.17 12.96
CBR 9SZ J . -14.84 2.65 14.26
CBO 9SZ J . -15.40 1.74 15.33
CBP 9SZ J . -16.25 1.94 16.42
CBQ 9SZ J . -16.60 0.88 17.25
CBI 9SZ J . -17.48 0.75 18.48
CAH 9SZ J . -18.67 -0.11 18.08
CAI 9SZ J . -20.03 0.11 17.92
OAJ 9SZ J . -20.56 1.37 18.21
PAK 9SZ J . -20.87 2.55 17.14
OAM 9SZ J . -21.40 3.71 17.99
OAN 9SZ J . -19.50 3.02 16.64
OAL 9SZ J . -21.80 2.17 16.06
CAO 9SZ J . -20.90 -0.91 17.51
CAP 9SZ J . -20.37 -2.18 17.25
CAQ 9SZ J . -21.52 -3.06 16.83
CAR 9SZ J . -22.63 -2.45 17.74
CAS 9SZ J . -22.39 -0.98 17.27
CAT 9SZ J . -22.48 -1.24 15.78
CAY 9SZ J . -21.97 -2.50 15.53
CAX 9SZ J . -21.93 -2.99 14.23
CAW 9SZ J . -22.41 -2.24 13.16
CAZ 9SZ J . -22.50 -2.50 11.68
CBA 9SZ J . -23.84 -1.73 11.40
CBH 9SZ J . -21.54 -1.48 11.12
CBG 9SZ J . -20.34 -1.64 10.46
CBF 9SZ J . -19.64 -0.51 10.04
CBE 9SZ J . -20.17 0.78 10.28
CBD 9SZ J . -21.40 0.91 10.95
CBC 9SZ J . -22.06 -0.23 11.36
CBB 9SZ J . -23.37 -0.40 12.09
CAV 9SZ J . -22.94 -0.97 13.41
CAU 9SZ J . -22.97 -0.49 14.71
#